data_1MCC
#
_entry.id   1MCC
#
_cell.length_a   72.300
_cell.length_b   72.300
_cell.length_c   185.900
_cell.angle_alpha   90.00
_cell.angle_beta   90.00
_cell.angle_gamma   120.00
#
_symmetry.space_group_name_H-M   'P 31 2 1'
#
loop_
_entity.id
_entity.type
_entity.pdbx_description
1 polymer 'IMMUNOGLOBULIN LAMBDA DIMER MCG (LIGHT CHAIN)'
2 polymer 'PEPTIDE N-ACETYL-L-GLN-D-PHE-L-HIS-D-PRO-NH2'
#
loop_
_entity_poly.entity_id
_entity_poly.type
_entity_poly.pdbx_seq_one_letter_code
_entity_poly.pdbx_strand_id
1 'polypeptide(L)'
;PSALTQPPSASGSLGQSVTISCTGTSSDVGGYNYVSWYQQHAGKAPKVIIYEVNKRPSGVPDRFSGSKSGNTASLTVSGL
QAEDEADYYCSSYEGSDNFVFGTGTKVTVLGQPKANPTVTLFPPSSEELQANKATLVCLISDFYPGAVTVAWKADGSPVK
AGVETTKPSKQSNNKYAASSYLSLTPEQWKSHRSYSCQVTHEGSTVEKTVAPTECS
;
A,B
2 'polypeptide(L)' (ACE)Q(DPN)H(DPR)(NH2) P
#
loop_
_chem_comp.id
_chem_comp.type
_chem_comp.name
_chem_comp.formula
ACE non-polymer 'ACETYL GROUP' 'C2 H4 O'
NH2 non-polymer 'AMINO GROUP' 'H2 N'
#
# COMPACT_ATOMS: atom_id res chain seq x y z
N PRO A 1 -29.43 -8.99 11.73
CA PRO A 1 -28.36 -8.00 11.94
C PRO A 1 -28.48 -6.85 10.93
N SER A 2 -27.44 -6.02 10.92
CA SER A 2 -27.29 -4.95 9.94
C SER A 2 -26.02 -4.14 10.16
N ALA A 3 -25.59 -3.50 9.07
CA ALA A 3 -24.33 -2.75 9.01
C ALA A 3 -24.52 -1.37 8.39
N LEU A 4 -24.42 -0.37 9.23
CA LEU A 4 -24.74 1.02 8.99
C LEU A 4 -24.72 1.44 7.52
N THR A 5 -25.67 2.31 7.15
CA THR A 5 -25.64 2.80 5.75
C THR A 5 -24.71 4.00 5.63
N GLN A 6 -24.02 3.96 4.50
CA GLN A 6 -23.15 5.01 3.97
C GLN A 6 -23.49 5.12 2.47
N PRO A 7 -23.40 6.33 1.97
CA PRO A 7 -23.52 6.58 0.52
C PRO A 7 -22.21 6.24 -0.18
N PRO A 8 -22.17 5.12 -0.90
CA PRO A 8 -21.03 4.60 -1.59
C PRO A 8 -20.06 5.49 -2.32
N SER A 9 -20.24 6.79 -2.37
CA SER A 9 -19.38 7.68 -3.16
C SER A 9 -19.78 9.13 -2.97
N ALA A 10 -18.80 9.99 -2.70
CA ALA A 10 -19.03 11.37 -2.32
C ALA A 10 -17.95 12.29 -2.88
N SER A 11 -18.35 12.94 -3.95
CA SER A 11 -17.51 13.87 -4.71
C SER A 11 -17.63 15.27 -4.08
N GLY A 12 -16.69 16.09 -4.51
CA GLY A 12 -16.69 17.53 -4.17
C GLY A 12 -15.60 18.16 -5.07
N SER A 13 -15.72 19.43 -5.34
CA SER A 13 -14.66 20.13 -6.08
C SER A 13 -13.50 20.40 -5.13
N LEU A 14 -12.39 20.78 -5.76
CA LEU A 14 -11.18 21.14 -5.01
C LEU A 14 -11.52 22.31 -4.07
N GLY A 15 -10.91 22.29 -2.90
CA GLY A 15 -11.05 23.37 -1.91
C GLY A 15 -12.45 23.43 -1.33
N GLN A 16 -13.34 22.65 -1.93
CA GLN A 16 -14.79 22.75 -1.52
C GLN A 16 -14.98 21.87 -0.29
N SER A 17 -16.06 21.09 -0.35
CA SER A 17 -16.59 20.36 0.79
C SER A 17 -17.57 19.25 0.40
N VAL A 18 -17.54 18.23 1.24
CA VAL A 18 -18.44 17.08 1.19
C VAL A 18 -18.74 16.67 2.64
N THR A 19 -19.84 15.97 2.80
CA THR A 19 -20.27 15.47 4.13
C THR A 19 -20.82 14.08 3.86
N ILE A 20 -20.35 13.10 4.62
CA ILE A 20 -20.78 11.70 4.41
C ILE A 20 -21.66 11.38 5.62
N SER A 21 -22.69 10.60 5.36
CA SER A 21 -23.65 10.23 6.41
C SER A 21 -23.60 8.76 6.80
N CYS A 22 -23.08 8.56 8.01
CA CYS A 22 -23.12 7.23 8.66
C CYS A 22 -24.50 7.13 9.32
N THR A 23 -25.38 6.30 8.78
CA THR A 23 -26.75 6.27 9.31
C THR A 23 -27.13 4.92 9.88
N GLY A 24 -27.49 5.01 11.17
CA GLY A 24 -27.71 3.88 12.03
C GLY A 24 -29.10 3.48 12.47
N THR A 25 -29.18 3.13 13.75
CA THR A 25 -30.38 2.59 14.38
C THR A 25 -30.32 2.90 15.88
N SER A 26 -31.44 3.26 16.46
CA SER A 26 -31.63 3.44 17.89
C SER A 26 -30.77 2.59 18.82
N SER A 27 -30.64 1.31 18.55
CA SER A 27 -29.82 0.37 19.31
C SER A 27 -28.32 0.53 19.22
N ASP A 28 -27.81 1.24 18.25
CA ASP A 28 -26.37 1.53 18.05
C ASP A 28 -26.18 3.06 18.03
N VAL A 29 -26.23 3.63 16.84
CA VAL A 29 -26.23 5.08 16.64
C VAL A 29 -27.49 5.68 17.30
N GLY A 30 -27.26 6.73 18.08
CA GLY A 30 -28.39 7.40 18.78
C GLY A 30 -28.69 6.66 20.08
N GLY A 31 -28.21 5.44 20.15
CA GLY A 31 -28.18 4.68 21.42
C GLY A 31 -27.11 5.26 22.33
N TYR A 32 -25.96 5.53 21.73
CA TYR A 32 -24.76 6.01 22.43
C TYR A 32 -24.01 7.02 21.55
N ASN A 33 -23.18 7.82 22.16
CA ASN A 33 -22.35 8.83 21.48
C ASN A 33 -20.96 8.29 21.13
N TYR A 34 -20.86 7.23 20.35
CA TYR A 34 -19.57 6.57 20.07
C TYR A 34 -19.45 6.10 18.61
N VAL A 35 -19.29 7.11 17.78
CA VAL A 35 -19.09 7.01 16.35
C VAL A 35 -17.67 7.58 16.05
N SER A 36 -16.90 6.69 15.49
CA SER A 36 -15.57 6.98 14.95
C SER A 36 -15.62 6.97 13.41
N TRP A 37 -14.67 7.69 12.83
CA TRP A 37 -14.55 7.74 11.35
C TRP A 37 -13.13 7.38 10.91
N TYR A 38 -13.07 6.66 9.79
CA TYR A 38 -11.86 6.04 9.28
C TYR A 38 -11.52 6.46 7.85
N GLN A 39 -10.24 6.74 7.72
CA GLN A 39 -9.68 7.16 6.39
C GLN A 39 -8.81 5.96 5.98
N GLN A 40 -9.30 5.25 4.98
CA GLN A 40 -8.62 4.06 4.43
C GLN A 40 -8.18 4.35 2.99
N HIS A 41 -6.95 4.83 2.92
CA HIS A 41 -6.28 5.31 1.72
C HIS A 41 -5.98 4.25 0.67
N ALA A 42 -6.91 4.26 -0.29
CA ALA A 42 -6.87 3.43 -1.48
C ALA A 42 -6.32 2.05 -1.17
N GLY A 43 -6.88 1.48 -0.11
CA GLY A 43 -6.42 0.17 0.38
C GLY A 43 -5.06 0.42 1.09
N LYS A 44 -5.22 0.66 2.37
CA LYS A 44 -4.16 0.94 3.32
C LYS A 44 -4.57 0.81 4.78
N ALA A 45 -3.54 0.63 5.60
CA ALA A 45 -3.63 0.75 7.08
C ALA A 45 -4.43 2.02 7.40
N PRO A 46 -5.65 1.80 7.83
CA PRO A 46 -6.64 2.87 8.02
C PRO A 46 -6.36 3.65 9.27
N LYS A 47 -6.77 4.92 9.27
CA LYS A 47 -6.66 5.69 10.54
C LYS A 47 -8.00 6.15 11.06
N VAL A 48 -7.96 6.65 12.29
CA VAL A 48 -9.12 7.25 12.97
C VAL A 48 -9.05 8.77 12.73
N ILE A 49 -10.19 9.32 12.46
CA ILE A 49 -10.42 10.69 12.02
C ILE A 49 -11.30 11.43 13.01
N ILE A 50 -12.20 10.68 13.64
CA ILE A 50 -13.04 11.16 14.75
C ILE A 50 -13.28 9.94 15.67
N TYR A 51 -13.53 10.23 16.95
CA TYR A 51 -13.80 9.11 17.87
C TYR A 51 -15.18 9.11 18.54
N GLU A 52 -15.62 10.28 18.88
CA GLU A 52 -16.86 10.47 19.64
C GLU A 52 -17.57 11.63 18.94
N VAL A 53 -18.31 11.18 17.91
CA VAL A 53 -19.21 12.16 17.24
C VAL A 53 -18.42 13.24 16.53
N ASN A 54 -17.74 14.09 17.27
CA ASN A 54 -17.02 15.23 16.70
C ASN A 54 -15.67 15.45 17.37
N LYS A 55 -15.04 14.40 17.86
CA LYS A 55 -13.65 14.66 18.40
C LYS A 55 -12.54 14.18 17.52
N ARG A 56 -11.80 15.17 17.03
CA ARG A 56 -10.67 15.05 16.11
C ARG A 56 -9.46 14.48 16.85
N PRO A 57 -9.11 13.26 16.52
CA PRO A 57 -7.98 12.54 17.10
C PRO A 57 -6.66 13.27 16.99
N SER A 58 -5.85 13.00 18.02
CA SER A 58 -4.62 13.73 18.33
C SER A 58 -3.68 13.79 17.15
N GLY A 59 -4.03 14.70 16.25
CA GLY A 59 -3.25 14.89 15.01
C GLY A 59 -4.11 14.36 13.84
N VAL A 60 -5.13 15.17 13.56
CA VAL A 60 -5.93 14.97 12.34
C VAL A 60 -5.89 16.27 11.52
N PRO A 61 -5.56 16.06 10.25
CA PRO A 61 -6.04 16.94 9.17
C PRO A 61 -7.17 17.85 9.61
N ASP A 62 -6.66 19.03 9.97
CA ASP A 62 -7.28 20.28 10.28
C ASP A 62 -8.76 20.27 10.59
N ARG A 63 -9.59 20.00 9.59
CA ARG A 63 -11.04 20.22 9.74
C ARG A 63 -11.88 19.05 9.23
N PHE A 64 -11.58 17.91 9.84
CA PHE A 64 -12.60 16.78 9.74
C PHE A 64 -13.60 17.15 10.83
N SER A 65 -14.83 17.33 10.40
CA SER A 65 -15.90 17.78 11.32
C SER A 65 -16.89 16.64 11.48
N GLY A 66 -17.14 16.27 12.72
CA GLY A 66 -18.08 15.19 13.04
C GLY A 66 -19.40 15.73 13.58
N SER A 67 -20.43 15.04 13.15
CA SER A 67 -21.82 15.35 13.40
C SER A 67 -22.58 14.05 13.72
N LYS A 68 -23.55 14.26 14.56
CA LYS A 68 -24.57 13.30 14.94
C LYS A 68 -25.87 14.16 14.98
N SER A 69 -26.66 13.80 14.04
CA SER A 69 -27.94 14.38 13.68
C SER A 69 -29.00 13.28 13.89
N GLY A 70 -29.32 13.08 15.16
CA GLY A 70 -30.20 11.99 15.59
C GLY A 70 -29.55 10.62 15.48
N ASN A 71 -29.98 9.86 14.49
CA ASN A 71 -29.46 8.52 14.20
C ASN A 71 -28.59 8.56 12.94
N THR A 72 -28.62 9.72 12.31
CA THR A 72 -27.73 9.99 11.17
C THR A 72 -26.51 10.70 11.76
N ALA A 73 -25.37 10.14 11.51
CA ALA A 73 -24.08 10.78 11.79
C ALA A 73 -23.56 11.33 10.47
N SER A 74 -22.72 12.34 10.56
CA SER A 74 -22.16 12.99 9.36
C SER A 74 -20.73 13.46 9.59
N LEU A 75 -19.87 13.23 8.61
CA LEU A 75 -18.50 13.75 8.61
C LEU A 75 -18.34 14.75 7.46
N THR A 76 -17.92 15.95 7.84
CA THR A 76 -17.84 17.10 6.93
C THR A 76 -16.33 17.36 6.71
N VAL A 77 -15.97 17.15 5.46
CA VAL A 77 -14.63 17.47 4.97
C VAL A 77 -14.76 18.72 4.09
N SER A 78 -13.99 19.70 4.52
CA SER A 78 -13.94 21.02 3.87
C SER A 78 -12.49 21.49 3.84
N GLY A 79 -12.24 22.25 2.79
CA GLY A 79 -10.83 22.76 2.58
C GLY A 79 -10.22 21.64 1.68
N LEU A 80 -11.18 21.14 0.89
CA LEU A 80 -10.88 19.96 0.07
C LEU A 80 -9.49 20.01 -0.53
N GLN A 81 -8.74 18.97 -0.19
CA GLN A 81 -7.43 18.61 -0.73
C GLN A 81 -7.54 17.29 -1.53
N ALA A 82 -6.58 17.10 -2.41
CA ALA A 82 -6.51 15.92 -3.29
C ALA A 82 -6.36 14.65 -2.45
N GLU A 83 -5.63 14.83 -1.36
CA GLU A 83 -5.25 13.72 -0.48
C GLU A 83 -6.45 13.15 0.27
N ASP A 84 -7.61 13.80 0.12
CA ASP A 84 -8.80 13.25 0.84
C ASP A 84 -9.37 12.07 0.06
N GLU A 85 -8.81 11.76 -1.10
CA GLU A 85 -9.37 10.53 -1.79
C GLU A 85 -9.11 9.33 -0.89
N ALA A 86 -10.17 8.64 -0.46
CA ALA A 86 -10.01 7.43 0.35
C ALA A 86 -11.26 6.56 0.39
N ASP A 87 -11.28 5.69 1.41
CA ASP A 87 -12.46 4.91 1.78
C ASP A 87 -12.81 5.47 3.18
N TYR A 88 -14.02 5.96 3.25
CA TYR A 88 -14.47 6.52 4.56
C TYR A 88 -15.47 5.52 5.14
N TYR A 89 -15.06 5.09 6.34
CA TYR A 89 -15.95 4.16 7.09
C TYR A 89 -16.25 4.79 8.45
N CYS A 90 -17.39 4.38 9.00
CA CYS A 90 -17.75 4.73 10.36
C CYS A 90 -18.00 3.44 11.19
N SER A 91 -18.01 3.76 12.49
CA SER A 91 -18.37 2.69 13.45
C SER A 91 -18.99 3.28 14.71
N SER A 92 -20.10 2.62 15.04
CA SER A 92 -20.90 2.99 16.23
C SER A 92 -20.95 1.76 17.14
N TYR A 93 -20.87 2.10 18.42
CA TYR A 93 -21.07 0.99 19.42
C TYR A 93 -22.55 0.59 19.30
N GLU A 94 -22.72 -0.72 19.23
CA GLU A 94 -24.11 -1.27 19.37
C GLU A 94 -24.14 -1.75 20.80
N GLY A 95 -24.52 -2.96 21.10
CA GLY A 95 -24.69 -3.41 22.47
C GLY A 95 -23.43 -3.96 23.13
N SER A 96 -23.72 -5.04 23.82
CA SER A 96 -22.83 -5.83 24.65
C SER A 96 -21.43 -5.87 24.08
N ASP A 97 -20.63 -4.98 24.64
CA ASP A 97 -19.24 -4.71 24.39
C ASP A 97 -18.81 -4.41 22.96
N ASN A 98 -19.70 -4.35 21.97
CA ASN A 98 -19.18 -4.44 20.59
C ASN A 98 -19.73 -3.48 19.56
N PHE A 99 -18.87 -3.25 18.54
CA PHE A 99 -19.00 -2.26 17.49
C PHE A 99 -19.50 -2.78 16.15
N VAL A 100 -20.30 -1.89 15.55
CA VAL A 100 -20.84 -2.12 14.19
C VAL A 100 -20.32 -1.05 13.24
N PHE A 101 -19.88 -1.55 12.07
CA PHE A 101 -19.37 -0.72 10.98
C PHE A 101 -20.44 -0.31 9.98
N GLY A 102 -19.97 0.45 8.98
CA GLY A 102 -20.91 0.91 7.91
C GLY A 102 -20.43 0.49 6.54
N THR A 103 -21.28 0.72 5.52
CA THR A 103 -21.04 0.28 4.16
C THR A 103 -19.71 0.70 3.57
N GLY A 104 -19.49 1.98 3.32
CA GLY A 104 -18.17 2.49 2.92
C GLY A 104 -18.22 3.46 1.76
N THR A 105 -17.90 4.72 2.05
CA THR A 105 -18.04 5.79 1.05
C THR A 105 -16.72 6.21 0.41
N LYS A 106 -16.72 6.11 -0.95
CA LYS A 106 -15.47 6.57 -1.64
C LYS A 106 -15.54 8.04 -2.03
N VAL A 107 -14.56 8.81 -1.56
CA VAL A 107 -14.50 10.27 -1.68
C VAL A 107 -13.68 10.66 -2.91
N THR A 108 -14.29 11.59 -3.65
CA THR A 108 -13.74 11.95 -4.98
C THR A 108 -13.58 13.46 -5.09
N VAL A 109 -12.35 13.88 -5.29
CA VAL A 109 -12.02 15.30 -5.42
C VAL A 109 -11.97 15.63 -6.91
N LEU A 110 -12.72 16.65 -7.29
CA LEU A 110 -12.75 17.17 -8.66
C LEU A 110 -11.91 18.45 -8.71
N GLY A 111 -11.45 18.77 -9.91
CA GLY A 111 -10.66 19.97 -10.16
C GLY A 111 -9.16 19.70 -10.09
N GLN A 112 -8.82 18.44 -10.01
CA GLN A 112 -7.40 18.01 -9.94
C GLN A 112 -6.81 18.15 -11.35
N PRO A 113 -5.74 18.93 -11.44
CA PRO A 113 -4.98 19.10 -12.66
C PRO A 113 -4.44 17.77 -13.20
N LYS A 114 -4.66 17.62 -14.49
CA LYS A 114 -4.18 16.50 -15.31
C LYS A 114 -2.69 16.64 -15.56
N ALA A 115 -1.93 15.61 -15.20
CA ALA A 115 -0.47 15.64 -15.39
C ALA A 115 -0.01 14.52 -16.30
N ASN A 116 0.90 14.89 -17.19
CA ASN A 116 1.56 14.01 -18.15
C ASN A 116 2.84 13.44 -17.52
N PRO A 117 3.03 12.15 -17.77
CA PRO A 117 3.88 11.31 -16.94
C PRO A 117 5.37 11.58 -17.12
N THR A 118 6.13 11.19 -16.08
CA THR A 118 7.59 11.22 -16.20
C THR A 118 8.12 9.80 -16.35
N VAL A 119 8.40 9.54 -17.62
CA VAL A 119 9.00 8.29 -18.08
C VAL A 119 10.52 8.35 -17.91
N THR A 120 10.96 7.47 -17.05
CA THR A 120 12.38 7.19 -16.84
C THR A 120 12.58 5.75 -17.33
N LEU A 121 13.45 5.58 -18.30
CA LEU A 121 13.79 4.22 -18.79
C LEU A 121 15.09 3.81 -18.11
N PHE A 122 15.24 2.50 -17.94
CA PHE A 122 16.44 1.93 -17.33
C PHE A 122 17.08 0.86 -18.21
N PRO A 123 18.40 1.02 -18.34
CA PRO A 123 19.30 -0.09 -18.72
C PRO A 123 19.64 -0.97 -17.52
N PRO A 124 19.76 -2.26 -17.80
CA PRO A 124 20.13 -3.26 -16.78
C PRO A 124 21.46 -2.83 -16.20
N SER A 125 21.73 -3.24 -14.97
CA SER A 125 23.01 -2.88 -14.35
C SER A 125 23.94 -4.07 -14.25
N SER A 126 25.18 -3.72 -13.89
CA SER A 126 26.33 -4.62 -14.04
C SER A 126 26.07 -5.93 -13.31
N GLU A 127 25.60 -5.80 -12.08
CA GLU A 127 25.31 -6.95 -11.22
C GLU A 127 24.41 -7.95 -11.91
N GLU A 128 23.36 -7.44 -12.55
CA GLU A 128 22.36 -8.32 -13.20
C GLU A 128 23.06 -9.03 -14.36
N LEU A 129 23.84 -8.18 -15.04
CA LEU A 129 24.65 -8.69 -16.17
C LEU A 129 25.69 -9.69 -15.74
N GLN A 130 26.17 -9.62 -14.52
CA GLN A 130 27.20 -10.54 -14.00
C GLN A 130 26.52 -11.86 -13.62
N ALA A 131 25.39 -11.70 -12.96
CA ALA A 131 24.45 -12.77 -12.63
C ALA A 131 23.87 -13.43 -13.87
N ASN A 132 24.15 -12.84 -15.03
CA ASN A 132 23.86 -13.40 -16.34
C ASN A 132 22.49 -13.15 -16.93
N LYS A 133 21.81 -12.10 -16.54
CA LYS A 133 20.49 -11.76 -17.11
C LYS A 133 20.37 -10.26 -17.35
N ALA A 134 19.36 -9.88 -18.12
CA ALA A 134 19.09 -8.44 -18.38
C ALA A 134 17.60 -8.18 -18.21
N THR A 135 17.20 -7.23 -17.39
CA THR A 135 15.79 -6.83 -17.32
C THR A 135 15.74 -5.32 -17.45
N LEU A 136 14.94 -4.83 -18.36
CA LEU A 136 14.72 -3.40 -18.59
C LEU A 136 13.45 -2.99 -17.82
N VAL A 137 13.45 -1.75 -17.39
CA VAL A 137 12.40 -1.19 -16.53
C VAL A 137 12.00 0.20 -17.00
N CYS A 138 10.77 0.30 -17.51
CA CYS A 138 10.19 1.64 -17.80
C CYS A 138 9.41 2.07 -16.55
N LEU A 139 9.76 3.23 -16.02
CA LEU A 139 9.10 3.82 -14.87
C LEU A 139 8.30 5.05 -15.31
N ILE A 140 6.99 4.86 -15.22
CA ILE A 140 6.03 5.94 -15.54
C ILE A 140 5.63 6.52 -14.19
N SER A 141 5.66 7.84 -14.06
CA SER A 141 5.33 8.39 -12.71
C SER A 141 4.71 9.77 -12.73
N ASP A 142 4.14 10.11 -11.57
CA ASP A 142 3.48 11.39 -11.30
C ASP A 142 2.43 11.71 -12.35
N PHE A 143 1.66 10.74 -12.78
CA PHE A 143 0.62 10.96 -13.80
C PHE A 143 -0.74 11.16 -13.12
N TYR A 144 -1.57 11.89 -13.86
CA TYR A 144 -3.00 12.05 -13.46
C TYR A 144 -3.77 12.42 -14.70
N PRO A 145 -4.95 11.86 -14.93
CA PRO A 145 -5.51 10.67 -14.27
C PRO A 145 -4.83 9.37 -14.69
N GLY A 146 -4.90 8.39 -13.80
CA GLY A 146 -4.24 7.12 -13.85
C GLY A 146 -4.64 6.14 -14.92
N ALA A 147 -4.68 6.57 -16.16
CA ALA A 147 -4.82 5.67 -17.33
C ALA A 147 -3.58 5.96 -18.21
N VAL A 148 -2.79 4.93 -18.35
CA VAL A 148 -1.56 5.00 -19.17
C VAL A 148 -1.43 3.66 -19.89
N THR A 149 -0.79 3.70 -21.05
CA THR A 149 -0.52 2.41 -21.74
C THR A 149 0.92 2.45 -22.25
N VAL A 150 1.55 1.31 -22.13
CA VAL A 150 2.95 1.10 -22.42
C VAL A 150 3.11 0.14 -23.61
N ALA A 151 3.70 0.67 -24.66
CA ALA A 151 4.24 -0.19 -25.73
C ALA A 151 5.76 -0.32 -25.49
N TRP A 152 6.24 -1.46 -25.94
CA TRP A 152 7.67 -1.72 -26.10
C TRP A 152 7.99 -1.84 -27.60
N LYS A 153 9.18 -1.31 -27.83
CA LYS A 153 9.79 -1.38 -29.17
C LYS A 153 11.11 -2.11 -28.96
N ALA A 154 11.14 -3.26 -29.61
CA ALA A 154 12.30 -4.14 -29.68
C ALA A 154 13.50 -3.47 -30.34
N ASP A 155 13.22 -2.49 -31.19
CA ASP A 155 14.22 -1.94 -32.12
C ASP A 155 13.41 -1.32 -33.29
N GLY A 156 12.31 -0.70 -32.93
CA GLY A 156 11.42 -0.09 -33.92
C GLY A 156 10.40 -1.07 -34.45
N SER A 157 10.68 -2.38 -34.40
CA SER A 157 9.56 -3.38 -34.45
C SER A 157 9.14 -3.60 -32.99
N PRO A 158 7.90 -3.98 -32.76
CA PRO A 158 7.36 -4.08 -31.40
C PRO A 158 7.96 -5.28 -30.69
N VAL A 159 7.79 -5.29 -29.36
CA VAL A 159 8.14 -6.54 -28.62
C VAL A 159 7.00 -6.80 -27.63
N LYS A 160 6.03 -7.56 -28.10
CA LYS A 160 4.85 -7.91 -27.28
C LYS A 160 5.26 -8.95 -26.24
N ALA A 161 6.16 -9.85 -26.63
CA ALA A 161 6.58 -10.95 -25.75
C ALA A 161 7.54 -10.42 -24.69
N GLY A 162 7.48 -11.03 -23.52
CA GLY A 162 8.42 -10.82 -22.43
C GLY A 162 8.24 -9.51 -21.71
N VAL A 163 7.17 -8.79 -22.04
CA VAL A 163 6.86 -7.52 -21.36
C VAL A 163 5.86 -7.84 -20.25
N GLU A 164 5.88 -7.02 -19.22
CA GLU A 164 4.99 -7.13 -18.06
C GLU A 164 4.80 -5.70 -17.54
N THR A 165 3.56 -5.29 -17.41
CA THR A 165 3.28 -3.92 -16.93
C THR A 165 2.54 -3.99 -15.60
N THR A 166 2.25 -2.84 -15.04
CA THR A 166 1.55 -2.76 -13.75
C THR A 166 0.37 -1.82 -13.86
N LYS A 167 -0.66 -2.11 -13.07
CA LYS A 167 -1.78 -1.16 -12.83
C LYS A 167 -1.24 0.01 -12.00
N PRO A 168 -1.58 1.22 -12.41
CA PRO A 168 -1.13 2.45 -11.73
C PRO A 168 -1.63 2.55 -10.30
N SER A 169 -0.72 2.89 -9.39
CA SER A 169 -1.12 3.10 -7.97
C SER A 169 -0.94 4.57 -7.60
N LYS A 170 -1.64 4.99 -6.56
CA LYS A 170 -1.61 6.39 -6.12
C LYS A 170 -0.37 6.56 -5.24
N GLN A 171 0.29 7.67 -5.43
CA GLN A 171 1.48 8.04 -4.66
C GLN A 171 1.05 8.82 -3.41
N SER A 172 2.04 9.30 -2.68
CA SER A 172 1.74 10.25 -1.55
C SER A 172 1.47 11.55 -2.32
N ASN A 173 0.28 11.55 -2.87
CA ASN A 173 -0.03 12.54 -3.94
C ASN A 173 -1.54 12.46 -4.24
N ASN A 174 -1.75 12.17 -5.49
CA ASN A 174 -2.99 11.82 -6.16
C ASN A 174 -2.53 11.91 -7.65
N LYS A 175 -1.28 11.49 -7.74
CA LYS A 175 -0.61 11.22 -9.01
C LYS A 175 -0.29 9.71 -8.88
N TYR A 176 -0.27 9.06 -9.99
CA TYR A 176 -0.05 7.62 -10.07
C TYR A 176 1.38 7.31 -10.51
N ALA A 177 1.71 6.06 -10.28
CA ALA A 177 3.01 5.51 -10.67
C ALA A 177 2.74 4.11 -11.23
N ALA A 178 3.46 3.83 -12.29
CA ALA A 178 3.36 2.54 -12.97
C ALA A 178 4.74 2.17 -13.52
N SER A 179 4.83 0.92 -13.97
CA SER A 179 6.04 0.44 -14.60
C SER A 179 5.73 -0.71 -15.55
N SER A 180 6.59 -0.76 -16.56
CA SER A 180 6.68 -1.94 -17.45
C SER A 180 8.07 -2.54 -17.22
N TYR A 181 8.20 -3.78 -17.60
CA TYR A 181 9.48 -4.49 -17.59
C TYR A 181 9.55 -5.38 -18.85
N LEU A 182 10.76 -5.36 -19.38
CA LEU A 182 11.13 -6.26 -20.51
C LEU A 182 12.22 -7.16 -19.92
N SER A 183 12.03 -8.46 -20.03
CA SER A 183 13.08 -9.39 -19.52
C SER A 183 13.83 -9.89 -20.73
N LEU A 184 15.12 -9.75 -20.74
CA LEU A 184 16.00 -10.11 -21.82
C LEU A 184 17.15 -11.02 -21.34
N THR A 185 17.71 -11.71 -22.33
CA THR A 185 19.07 -12.27 -22.22
C THR A 185 20.05 -11.19 -22.64
N PRO A 186 21.17 -11.12 -21.94
CA PRO A 186 22.24 -10.14 -22.21
C PRO A 186 22.64 -10.22 -23.67
N GLU A 187 22.65 -11.47 -24.14
CA GLU A 187 22.96 -11.80 -25.54
C GLU A 187 22.09 -10.93 -26.45
N GLN A 188 20.80 -11.07 -26.28
CA GLN A 188 19.79 -10.30 -26.98
C GLN A 188 20.06 -8.79 -26.82
N TRP A 189 20.71 -8.45 -25.72
CA TRP A 189 20.83 -7.00 -25.40
C TRP A 189 22.05 -6.33 -25.99
N LYS A 190 23.13 -7.08 -26.10
CA LYS A 190 24.33 -6.58 -26.85
C LYS A 190 23.84 -6.57 -28.30
N SER A 191 23.20 -7.69 -28.67
CA SER A 191 22.65 -7.85 -30.00
C SER A 191 21.48 -6.95 -30.38
N HIS A 192 21.45 -5.65 -30.09
CA HIS A 192 20.78 -4.71 -31.01
C HIS A 192 20.40 -3.32 -30.53
N ARG A 193 20.86 -2.36 -31.31
CA ARG A 193 20.78 -0.95 -31.35
C ARG A 193 20.04 -0.16 -30.31
N SER A 194 18.72 -0.15 -30.36
CA SER A 194 17.88 0.60 -29.41
C SER A 194 16.82 -0.31 -28.80
N TYR A 195 16.40 0.06 -27.60
CA TYR A 195 15.16 -0.43 -26.96
C TYR A 195 14.31 0.80 -26.64
N SER A 196 13.00 0.65 -26.74
CA SER A 196 12.15 1.85 -26.54
C SER A 196 10.90 1.54 -25.74
N CYS A 197 10.63 2.44 -24.82
CA CYS A 197 9.46 2.43 -23.97
C CYS A 197 8.54 3.62 -24.28
N GLN A 198 7.46 3.27 -24.96
CA GLN A 198 6.51 4.31 -25.44
C GLN A 198 5.25 4.33 -24.59
N VAL A 199 4.99 5.46 -23.95
CA VAL A 199 3.92 5.61 -22.97
C VAL A 199 2.91 6.67 -23.42
N THR A 200 1.68 6.20 -23.60
CA THR A 200 0.56 7.07 -23.98
C THR A 200 -0.31 7.41 -22.76
N HIS A 201 -0.74 8.68 -22.77
CA HIS A 201 -1.50 9.25 -21.64
C HIS A 201 -2.29 10.48 -22.08
N GLU A 202 -3.60 10.30 -22.14
CA GLU A 202 -4.60 11.31 -22.44
C GLU A 202 -4.26 12.05 -23.74
N GLY A 203 -3.74 11.28 -24.69
CA GLY A 203 -3.48 11.80 -26.06
C GLY A 203 -1.97 11.87 -26.30
N SER A 204 -1.30 12.36 -25.26
CA SER A 204 0.17 12.45 -25.30
C SER A 204 0.77 11.07 -25.52
N THR A 205 2.01 11.10 -25.98
CA THR A 205 2.89 9.95 -26.09
C THR A 205 4.29 10.44 -25.73
N VAL A 206 4.98 9.65 -24.96
CA VAL A 206 6.37 9.95 -24.51
C VAL A 206 7.12 8.65 -24.80
N GLU A 207 8.11 8.76 -25.65
CA GLU A 207 8.95 7.60 -25.96
C GLU A 207 10.31 7.85 -25.33
N LYS A 208 10.83 6.78 -24.74
CA LYS A 208 12.23 6.84 -24.23
C LYS A 208 12.96 5.69 -24.89
N THR A 209 14.12 5.96 -25.45
CA THR A 209 14.96 4.97 -26.13
C THR A 209 16.29 4.79 -25.42
N VAL A 210 16.66 3.56 -25.11
CA VAL A 210 17.94 3.24 -24.50
C VAL A 210 18.81 2.46 -25.49
N ALA A 211 20.11 2.71 -25.37
CA ALA A 211 21.14 2.04 -26.17
C ALA A 211 22.19 1.41 -25.26
N PRO A 212 22.80 0.34 -25.74
CA PRO A 212 23.85 -0.40 -25.04
C PRO A 212 25.06 0.26 -24.45
N THR A 213 25.25 1.54 -24.54
CA THR A 213 26.43 2.24 -24.01
C THR A 213 26.34 2.57 -22.53
N GLU A 214 25.67 1.76 -21.72
CA GLU A 214 25.57 2.04 -20.27
C GLU A 214 26.95 1.91 -19.62
N CYS A 215 27.20 2.80 -18.66
CA CYS A 215 28.50 2.79 -17.96
C CYS A 215 28.42 2.21 -16.55
N SER A 216 29.48 1.50 -16.24
CA SER A 216 29.87 0.76 -15.05
C SER A 216 31.02 -0.14 -15.62
N PRO B 1 1.86 6.17 14.55
CA PRO B 1 1.68 5.60 13.21
C PRO B 1 1.64 4.08 13.27
N SER B 2 1.71 3.50 12.08
CA SER B 2 1.99 2.04 11.97
C SER B 2 3.26 1.82 12.80
N ALA B 3 3.00 1.61 14.07
CA ALA B 3 4.01 1.35 15.09
C ALA B 3 3.68 -0.07 15.64
N LEU B 4 2.76 -0.62 14.85
CA LEU B 4 2.30 -2.00 14.94
C LEU B 4 2.71 -2.65 13.60
N THR B 5 3.90 -3.23 13.71
CA THR B 5 4.55 -3.95 12.64
C THR B 5 3.74 -5.24 12.44
N GLN B 6 3.21 -5.31 11.24
CA GLN B 6 2.46 -6.49 10.78
C GLN B 6 3.07 -7.05 9.50
N PRO B 7 3.19 -8.38 9.47
CA PRO B 7 3.63 -9.13 8.29
C PRO B 7 2.99 -8.61 7.02
N PRO B 8 3.63 -8.91 5.90
CA PRO B 8 3.12 -8.49 4.59
C PRO B 8 2.09 -9.48 4.06
N SER B 9 2.39 -10.74 4.31
CA SER B 9 1.57 -11.84 3.76
C SER B 9 1.61 -12.98 4.77
N ALA B 10 0.46 -13.60 4.91
CA ALA B 10 0.27 -14.79 5.77
C ALA B 10 -0.67 -15.69 4.96
N SER B 11 -0.20 -16.90 4.69
CA SER B 11 -0.94 -17.79 3.79
C SER B 11 -0.91 -19.22 4.32
N GLY B 12 -1.98 -19.92 3.96
CA GLY B 12 -2.06 -21.36 4.26
C GLY B 12 -2.92 -22.03 3.18
N SER B 13 -3.33 -23.22 3.54
CA SER B 13 -4.26 -24.03 2.74
C SER B 13 -5.42 -24.40 3.65
N LEU B 14 -6.48 -24.89 3.03
CA LEU B 14 -7.67 -25.31 3.79
C LEU B 14 -7.25 -26.38 4.80
N GLY B 15 -7.37 -25.99 6.06
CA GLY B 15 -7.13 -26.97 7.15
C GLY B 15 -5.79 -26.71 7.79
N GLN B 16 -5.03 -25.79 7.21
CA GLN B 16 -3.76 -25.34 7.81
C GLN B 16 -4.10 -24.05 8.59
N SER B 17 -3.41 -23.94 9.70
CA SER B 17 -3.62 -22.77 10.59
C SER B 17 -2.60 -21.71 10.21
N VAL B 18 -2.97 -20.45 10.44
CA VAL B 18 -2.07 -19.33 10.13
C VAL B 18 -2.08 -18.32 11.27
N THR B 19 -0.88 -17.88 11.63
CA THR B 19 -0.70 -16.82 12.62
C THR B 19 -0.47 -15.51 11.86
N ILE B 20 -1.23 -14.51 12.25
CA ILE B 20 -0.85 -13.12 11.91
C ILE B 20 -0.22 -12.67 13.24
N SER B 21 0.48 -11.58 13.20
CA SER B 21 1.26 -11.09 14.33
C SER B 21 1.15 -9.56 14.25
N CYS B 22 1.28 -8.99 15.42
CA CYS B 22 1.17 -7.50 15.51
C CYS B 22 2.08 -7.10 16.66
N THR B 23 3.16 -6.44 16.22
CA THR B 23 4.22 -6.01 17.15
C THR B 23 4.10 -4.51 17.40
N GLY B 24 4.38 -4.16 18.64
CA GLY B 24 4.37 -2.74 19.04
C GLY B 24 5.78 -2.26 19.38
N THR B 25 6.05 -1.06 18.88
CA THR B 25 7.28 -0.32 19.23
C THR B 25 7.03 0.34 20.59
N SER B 26 5.73 0.49 20.79
CA SER B 26 5.13 1.35 21.80
C SER B 26 5.69 1.14 23.18
N SER B 27 6.27 2.23 23.67
CA SER B 27 6.69 2.35 25.09
C SER B 27 5.33 2.45 25.81
N ASP B 28 4.82 1.28 26.12
CA ASP B 28 3.33 1.16 26.34
C ASP B 28 3.14 -0.24 26.91
N VAL B 29 3.46 -1.16 26.02
CA VAL B 29 3.35 -2.60 26.18
C VAL B 29 3.46 -3.06 27.62
N GLY B 30 2.57 -4.01 27.93
CA GLY B 30 2.47 -4.56 29.30
C GLY B 30 1.27 -3.80 29.90
N GLY B 31 1.48 -2.48 29.91
CA GLY B 31 0.43 -1.55 30.42
C GLY B 31 -0.62 -1.52 29.30
N TYR B 32 -1.28 -2.68 29.19
CA TYR B 32 -2.00 -3.03 27.99
C TYR B 32 -2.74 -4.35 27.98
N ASN B 33 -3.92 -4.22 27.38
CA ASN B 33 -4.82 -5.37 27.14
C ASN B 33 -5.55 -5.04 25.84
N TYR B 34 -5.67 -3.74 25.58
CA TYR B 34 -6.56 -3.24 24.53
C TYR B 34 -5.94 -3.41 23.13
N VAL B 35 -5.89 -4.62 22.66
CA VAL B 35 -5.40 -4.91 21.30
C VAL B 35 -6.59 -5.55 20.55
N SER B 36 -7.11 -4.77 19.58
CA SER B 36 -8.27 -5.37 18.82
C SER B 36 -7.90 -5.68 17.37
N TRP B 37 -8.34 -6.87 16.95
CA TRP B 37 -8.07 -7.42 15.61
C TRP B 37 -9.22 -7.24 14.66
N TYR B 38 -8.96 -6.86 13.40
CA TYR B 38 -10.01 -6.70 12.38
C TYR B 38 -9.86 -7.62 11.16
N GLN B 39 -10.95 -8.29 10.86
CA GLN B 39 -11.12 -9.10 9.65
C GLN B 39 -11.69 -8.17 8.57
N GLN B 40 -11.03 -8.14 7.44
CA GLN B 40 -11.45 -7.23 6.36
C GLN B 40 -11.27 -7.81 4.97
N HIS B 41 -12.41 -8.11 4.36
CA HIS B 41 -12.47 -8.59 2.99
C HIS B 41 -12.40 -7.41 2.01
N ALA B 42 -11.82 -7.76 0.87
CA ALA B 42 -11.70 -6.78 -0.23
C ALA B 42 -13.13 -6.52 -0.70
N GLY B 43 -13.50 -5.26 -0.66
CA GLY B 43 -14.86 -4.83 -0.96
C GLY B 43 -15.69 -4.54 0.28
N LYS B 44 -15.42 -5.22 1.40
CA LYS B 44 -16.27 -5.03 2.60
C LYS B 44 -15.75 -3.98 3.55
N ALA B 45 -16.66 -3.57 4.44
CA ALA B 45 -16.30 -2.76 5.64
C ALA B 45 -15.45 -3.64 6.57
N PRO B 46 -14.61 -2.96 7.34
CA PRO B 46 -13.79 -3.66 8.37
C PRO B 46 -14.71 -4.21 9.44
N LYS B 47 -14.42 -5.40 9.95
CA LYS B 47 -15.21 -5.94 11.08
C LYS B 47 -14.32 -6.57 12.13
N VAL B 48 -14.51 -6.16 13.39
CA VAL B 48 -13.65 -6.67 14.48
C VAL B 48 -13.97 -8.14 14.72
N ILE B 49 -12.92 -8.93 14.90
CA ILE B 49 -13.02 -10.35 15.24
C ILE B 49 -12.36 -10.65 16.58
N ILE B 50 -11.69 -9.67 17.14
CA ILE B 50 -11.02 -9.81 18.44
C ILE B 50 -11.03 -8.42 19.10
N TYR B 51 -11.24 -8.46 20.39
CA TYR B 51 -11.20 -7.30 21.28
C TYR B 51 -10.53 -7.77 22.57
N GLU B 52 -9.91 -6.83 23.24
CA GLU B 52 -9.11 -7.01 24.44
C GLU B 52 -8.36 -8.31 24.50
N VAL B 53 -7.35 -8.43 23.60
CA VAL B 53 -6.48 -9.59 23.53
C VAL B 53 -7.13 -10.92 23.21
N ASN B 54 -8.04 -11.46 24.01
CA ASN B 54 -8.57 -12.81 23.68
C ASN B 54 -10.06 -12.92 23.44
N LYS B 55 -10.83 -11.85 23.57
CA LYS B 55 -12.30 -11.97 23.44
C LYS B 55 -12.74 -11.68 22.01
N ARG B 56 -13.26 -12.69 21.32
CA ARG B 56 -13.95 -12.40 20.04
C ARG B 56 -15.34 -11.85 20.46
N PRO B 57 -15.84 -10.99 19.59
CA PRO B 57 -17.24 -10.62 19.58
C PRO B 57 -18.19 -11.74 19.14
N SER B 58 -19.45 -11.34 19.26
CA SER B 58 -20.63 -12.18 19.00
C SER B 58 -20.67 -12.56 17.53
N GLY B 59 -20.54 -13.86 17.31
CA GLY B 59 -20.66 -14.47 16.00
C GLY B 59 -19.32 -14.69 15.33
N VAL B 60 -18.25 -14.48 16.11
CA VAL B 60 -16.89 -14.81 15.54
C VAL B 60 -16.76 -16.33 15.66
N PRO B 61 -16.57 -16.96 14.51
CA PRO B 61 -16.35 -18.42 14.50
C PRO B 61 -15.17 -18.73 15.42
N ASP B 62 -15.31 -19.82 16.11
CA ASP B 62 -14.48 -20.39 17.13
C ASP B 62 -12.99 -20.41 16.87
N ARG B 63 -12.65 -20.54 15.61
CA ARG B 63 -11.30 -20.75 15.11
C ARG B 63 -10.37 -19.56 15.28
N PHE B 64 -10.93 -18.39 15.41
CA PHE B 64 -10.10 -17.17 15.60
C PHE B 64 -9.75 -17.15 17.09
N SER B 65 -8.47 -16.96 17.34
CA SER B 65 -8.05 -16.78 18.77
C SER B 65 -7.01 -15.67 18.72
N GLY B 66 -7.01 -14.85 19.73
CA GLY B 66 -5.98 -13.80 19.88
C GLY B 66 -5.13 -14.13 21.12
N SER B 67 -3.91 -13.60 21.08
CA SER B 67 -2.97 -13.68 22.22
C SER B 67 -2.10 -12.42 22.18
N LYS B 68 -1.44 -12.17 23.28
CA LYS B 68 -0.52 -11.04 23.41
C LYS B 68 0.53 -11.47 24.45
N SER B 69 1.78 -11.42 24.05
CA SER B 69 2.88 -11.49 25.03
C SER B 69 4.10 -10.80 24.44
N GLY B 70 4.86 -10.25 25.36
CA GLY B 70 6.00 -9.37 24.99
C GLY B 70 5.32 -8.10 24.43
N ASN B 71 5.60 -7.85 23.18
CA ASN B 71 5.06 -6.69 22.47
C ASN B 71 4.24 -7.21 21.28
N THR B 72 3.99 -8.53 21.36
CA THR B 72 3.34 -9.16 20.20
C THR B 72 1.98 -9.75 20.57
N ALA B 73 1.00 -9.13 19.92
CA ALA B 73 -0.36 -9.72 19.82
C ALA B 73 -0.25 -10.66 18.63
N SER B 74 -1.07 -11.67 18.60
CA SER B 74 -1.10 -12.68 17.53
C SER B 74 -2.57 -13.09 17.32
N LEU B 75 -2.85 -13.42 16.07
CA LEU B 75 -4.20 -13.89 15.72
C LEU B 75 -4.03 -15.20 14.96
N THR B 76 -4.61 -16.24 15.53
CA THR B 76 -4.49 -17.57 14.94
C THR B 76 -5.84 -17.94 14.35
N VAL B 77 -5.80 -18.03 13.01
CA VAL B 77 -6.90 -18.73 12.32
C VAL B 77 -6.49 -20.20 12.48
N SER B 78 -7.24 -20.83 13.36
CA SER B 78 -7.02 -22.24 13.71
C SER B 78 -7.95 -23.05 12.79
N GLY B 79 -7.37 -23.53 11.71
CA GLY B 79 -8.09 -24.31 10.70
C GLY B 79 -8.69 -23.42 9.62
N LEU B 80 -7.96 -23.30 8.52
CA LEU B 80 -8.24 -22.26 7.51
C LEU B 80 -9.34 -22.69 6.55
N GLN B 81 -10.31 -21.80 6.42
CA GLN B 81 -11.44 -21.93 5.52
C GLN B 81 -11.33 -20.83 4.44
N ALA B 82 -11.96 -21.11 3.33
CA ALA B 82 -11.89 -20.28 2.12
C ALA B 82 -11.88 -18.79 2.38
N GLU B 83 -13.00 -18.29 2.90
CA GLU B 83 -13.16 -16.85 3.08
C GLU B 83 -12.59 -16.32 4.36
N ASP B 84 -11.58 -17.05 4.85
CA ASP B 84 -10.68 -16.53 5.91
C ASP B 84 -9.67 -15.65 5.15
N GLU B 85 -9.60 -15.97 3.86
CA GLU B 85 -8.86 -15.09 2.91
C GLU B 85 -9.40 -13.67 3.01
N ALA B 86 -8.59 -12.79 3.60
CA ALA B 86 -8.90 -11.34 3.69
C ALA B 86 -7.69 -10.55 4.17
N ASP B 87 -7.84 -9.24 4.26
CA ASP B 87 -6.83 -8.33 4.81
C ASP B 87 -7.05 -8.35 6.34
N TYR B 88 -5.92 -8.41 7.04
CA TYR B 88 -6.18 -8.37 8.55
C TYR B 88 -5.37 -7.22 9.13
N TYR B 89 -5.97 -6.58 10.15
CA TYR B 89 -5.28 -5.44 10.79
C TYR B 89 -5.36 -5.60 12.31
N CYS B 90 -4.55 -4.81 13.00
CA CYS B 90 -4.57 -4.76 14.45
C CYS B 90 -4.58 -3.29 14.94
N SER B 91 -4.71 -3.22 16.28
CA SER B 91 -5.15 -1.91 16.86
C SER B 91 -4.66 -1.78 18.28
N SER B 92 -4.49 -0.53 18.71
CA SER B 92 -4.25 -0.21 20.13
C SER B 92 -4.59 1.21 20.55
N TYR B 93 -5.42 1.26 21.61
CA TYR B 93 -5.99 2.51 22.15
C TYR B 93 -5.03 3.04 23.24
N GLU B 94 -4.23 3.98 22.74
CA GLU B 94 -3.37 4.78 23.67
C GLU B 94 -4.35 5.80 24.25
N GLY B 95 -5.18 5.22 25.12
CA GLY B 95 -6.36 5.87 25.71
C GLY B 95 -7.23 6.43 24.58
N SER B 96 -7.69 7.64 24.85
CA SER B 96 -8.49 8.42 23.90
C SER B 96 -7.66 9.50 23.24
N ASP B 97 -7.70 9.51 21.91
CA ASP B 97 -6.99 10.42 21.04
C ASP B 97 -6.01 9.66 20.13
N ASN B 98 -5.53 8.53 20.61
CA ASN B 98 -4.33 7.89 20.00
C ASN B 98 -4.56 6.43 19.64
N PHE B 99 -5.14 6.25 18.48
CA PHE B 99 -5.60 4.90 18.05
C PHE B 99 -4.63 4.41 16.97
N VAL B 100 -3.62 3.71 17.48
CA VAL B 100 -2.54 3.19 16.63
C VAL B 100 -2.98 1.92 15.90
N PHE B 101 -2.81 1.97 14.59
CA PHE B 101 -3.12 0.82 13.72
C PHE B 101 -1.81 0.12 13.31
N GLY B 102 -2.02 -1.17 13.06
CA GLY B 102 -0.91 -2.03 12.54
C GLY B 102 -0.94 -1.82 11.03
N THR B 103 -0.07 -2.50 10.30
CA THR B 103 0.07 -2.12 8.88
C THR B 103 -0.71 -3.01 7.95
N GLY B 104 -1.38 -4.02 8.46
CA GLY B 104 -2.21 -4.90 7.62
C GLY B 104 -1.49 -6.22 7.42
N THR B 105 -2.16 -7.13 6.78
CA THR B 105 -1.68 -8.45 6.36
C THR B 105 -2.62 -8.92 5.24
N LYS B 106 -2.54 -10.17 4.95
CA LYS B 106 -3.38 -10.82 3.92
C LYS B 106 -3.38 -12.30 4.31
N VAL B 107 -4.52 -12.90 4.16
CA VAL B 107 -4.60 -14.38 4.25
C VAL B 107 -4.81 -14.84 2.80
N THR B 108 -3.79 -15.58 2.38
CA THR B 108 -3.89 -16.19 1.03
C THR B 108 -4.10 -17.69 1.27
N VAL B 109 -5.21 -18.12 0.70
CA VAL B 109 -5.43 -19.61 0.63
C VAL B 109 -4.75 -19.95 -0.70
N LEU B 110 -3.54 -20.48 -0.55
CA LEU B 110 -2.69 -20.81 -1.68
C LEU B 110 -3.36 -21.90 -2.53
N GLY B 111 -3.11 -21.77 -3.79
CA GLY B 111 -3.51 -22.78 -4.80
C GLY B 111 -2.54 -22.54 -5.99
N GLN B 112 -1.39 -22.06 -5.57
CA GLN B 112 -0.20 -21.80 -6.38
C GLN B 112 0.98 -22.01 -5.43
N PRO B 113 2.07 -22.50 -5.96
CA PRO B 113 3.30 -22.67 -5.14
C PRO B 113 3.79 -21.31 -4.71
N LYS B 114 4.41 -21.25 -3.55
CA LYS B 114 4.95 -19.98 -3.01
C LYS B 114 6.16 -19.51 -3.83
N ALA B 115 6.10 -18.23 -4.18
CA ALA B 115 7.20 -17.61 -4.95
C ALA B 115 7.74 -16.41 -4.17
N ASN B 116 8.99 -16.56 -3.79
CA ASN B 116 9.79 -15.50 -3.15
C ASN B 116 10.32 -14.55 -4.21
N PRO B 117 10.15 -13.25 -3.97
CA PRO B 117 10.38 -12.21 -4.96
C PRO B 117 11.78 -12.09 -5.53
N THR B 118 11.83 -11.76 -6.82
CA THR B 118 13.06 -11.30 -7.48
C THR B 118 13.20 -9.79 -7.24
N VAL B 119 14.21 -9.38 -6.51
CA VAL B 119 14.53 -7.93 -6.40
C VAL B 119 15.52 -7.56 -7.51
N THR B 120 15.42 -6.35 -8.05
CA THR B 120 16.32 -5.90 -9.12
C THR B 120 16.46 -4.39 -9.10
N LEU B 121 17.32 -3.91 -8.22
CA LEU B 121 17.63 -2.48 -8.03
C LEU B 121 18.46 -1.88 -9.15
N PHE B 122 17.93 -0.83 -9.77
CA PHE B 122 18.53 -0.11 -10.91
C PHE B 122 18.91 1.33 -10.51
N PRO B 123 20.13 1.75 -10.83
CA PRO B 123 20.66 3.05 -10.41
C PRO B 123 20.55 4.13 -11.47
N PRO B 124 20.53 5.38 -10.98
CA PRO B 124 20.31 6.57 -11.83
C PRO B 124 21.14 6.43 -13.11
N SER B 125 20.46 6.14 -14.20
CA SER B 125 21.14 6.02 -15.50
C SER B 125 21.88 7.34 -15.81
N SER B 126 23.04 7.13 -16.43
CA SER B 126 23.98 8.19 -16.76
C SER B 126 23.24 9.35 -17.42
N GLU B 127 22.33 9.00 -18.30
CA GLU B 127 21.49 10.01 -18.95
C GLU B 127 20.72 10.84 -17.96
N GLU B 128 19.86 10.26 -17.14
CA GLU B 128 19.11 10.92 -16.08
C GLU B 128 19.95 11.84 -15.21
N LEU B 129 21.20 11.40 -14.98
CA LEU B 129 22.15 12.25 -14.24
C LEU B 129 22.53 13.45 -15.12
N GLN B 130 22.72 13.16 -16.39
CA GLN B 130 23.07 14.20 -17.37
C GLN B 130 21.98 15.24 -17.47
N ALA B 131 20.81 14.88 -16.95
CA ALA B 131 19.68 15.81 -16.82
C ALA B 131 19.58 16.35 -15.40
N ASN B 132 20.53 15.97 -14.57
CA ASN B 132 20.57 16.35 -13.16
C ASN B 132 19.39 15.80 -12.35
N LYS B 133 19.02 14.58 -12.71
CA LYS B 133 17.98 13.82 -12.00
C LYS B 133 18.60 12.58 -11.35
N ALA B 134 17.99 12.14 -10.25
CA ALA B 134 18.44 10.88 -9.61
C ALA B 134 17.23 10.04 -9.22
N THR B 135 17.16 8.81 -9.69
CA THR B 135 16.10 7.88 -9.30
C THR B 135 16.58 6.43 -9.43
N LEU B 136 16.54 5.73 -8.29
CA LEU B 136 16.81 4.25 -8.40
C LEU B 136 15.49 3.50 -8.20
N VAL B 137 15.34 2.45 -8.98
CA VAL B 137 14.12 1.63 -9.02
C VAL B 137 14.39 0.30 -8.31
N CYS B 138 13.37 -0.13 -7.56
CA CYS B 138 13.49 -1.48 -6.94
C CYS B 138 12.39 -2.31 -7.60
N LEU B 139 12.82 -3.04 -8.66
CA LEU B 139 11.79 -3.95 -9.24
C LEU B 139 11.68 -5.12 -8.26
N ILE B 140 10.45 -5.38 -7.84
CA ILE B 140 10.12 -6.61 -7.09
C ILE B 140 9.21 -7.41 -8.05
N SER B 141 9.66 -8.57 -8.47
CA SER B 141 8.91 -9.37 -9.45
C SER B 141 8.74 -10.80 -9.00
N ASP B 142 7.85 -11.49 -9.69
CA ASP B 142 7.59 -12.90 -9.60
C ASP B 142 7.19 -13.46 -8.25
N PHE B 143 6.61 -12.64 -7.41
CA PHE B 143 6.25 -13.05 -6.05
C PHE B 143 4.82 -13.55 -5.97
N TYR B 144 4.67 -14.58 -5.15
CA TYR B 144 3.36 -15.09 -4.74
C TYR B 144 3.48 -15.52 -3.29
N PRO B 145 2.49 -15.26 -2.46
CA PRO B 145 1.30 -14.47 -2.75
C PRO B 145 1.52 -12.97 -2.71
N GLY B 146 0.84 -12.27 -3.59
CA GLY B 146 0.91 -10.88 -3.88
C GLY B 146 0.84 -9.84 -2.81
N ALA B 147 1.55 -10.00 -1.72
CA ALA B 147 1.76 -8.96 -0.70
C ALA B 147 3.23 -8.99 -0.30
N VAL B 148 3.78 -7.81 -0.08
CA VAL B 148 5.25 -7.68 0.14
C VAL B 148 5.55 -6.37 0.84
N THR B 149 6.45 -6.40 1.81
CA THR B 149 6.97 -5.18 2.46
C THR B 149 8.23 -4.73 1.73
N VAL B 150 8.40 -3.42 1.64
CA VAL B 150 9.48 -2.75 0.95
C VAL B 150 9.99 -1.62 1.84
N ALA B 151 11.28 -1.51 1.96
CA ALA B 151 11.94 -0.46 2.74
C ALA B 151 13.27 -0.12 2.09
N TRP B 152 13.70 1.11 2.26
CA TRP B 152 14.95 1.60 1.66
C TRP B 152 15.95 2.00 2.74
N LYS B 153 17.22 2.07 2.30
CA LYS B 153 18.31 2.46 3.21
C LYS B 153 19.42 3.19 2.47
N ALA B 154 19.82 4.31 3.05
CA ALA B 154 21.03 5.04 2.67
C ALA B 154 22.07 4.89 3.79
N ASP B 155 23.24 4.46 3.34
CA ASP B 155 24.40 4.21 4.20
C ASP B 155 24.02 3.55 5.52
N GLY B 156 23.12 2.58 5.42
CA GLY B 156 22.72 1.78 6.60
C GLY B 156 21.38 2.26 7.11
N SER B 157 21.33 3.53 7.47
CA SER B 157 20.09 4.16 7.98
C SER B 157 18.97 4.01 6.97
N PRO B 158 17.76 3.82 7.47
CA PRO B 158 16.58 3.67 6.59
C PRO B 158 16.26 4.98 5.91
N VAL B 159 15.72 4.89 4.70
CA VAL B 159 15.17 6.07 4.00
C VAL B 159 13.66 5.93 3.83
N LYS B 160 12.99 7.01 4.22
CA LYS B 160 11.53 7.15 4.11
C LYS B 160 11.14 8.17 3.06
N ALA B 161 11.94 9.20 2.89
CA ALA B 161 11.60 10.36 2.06
C ALA B 161 11.92 10.15 0.60
N GLY B 162 10.86 9.99 -0.19
CA GLY B 162 10.97 10.04 -1.66
C GLY B 162 10.69 8.68 -2.27
N VAL B 163 10.43 7.72 -1.40
CA VAL B 163 10.09 6.36 -1.85
C VAL B 163 8.58 6.30 -2.04
N GLU B 164 8.26 5.71 -3.17
CA GLU B 164 6.82 5.54 -3.55
C GLU B 164 6.73 4.07 -3.96
N THR B 165 5.84 3.32 -3.33
CA THR B 165 5.69 1.90 -3.66
C THR B 165 4.35 1.64 -4.35
N THR B 166 4.51 1.04 -5.51
CA THR B 166 3.34 0.62 -6.32
C THR B 166 2.67 -0.52 -5.60
N LYS B 167 1.55 -0.97 -6.12
CA LYS B 167 0.75 -2.08 -5.60
C LYS B 167 1.00 -3.30 -6.51
N PRO B 168 1.20 -4.44 -5.87
CA PRO B 168 1.39 -5.71 -6.58
C PRO B 168 0.39 -5.90 -7.70
N SER B 169 0.90 -6.02 -8.90
CA SER B 169 0.13 -6.42 -10.08
C SER B 169 0.26 -7.92 -10.34
N LYS B 170 -0.83 -8.48 -10.83
CA LYS B 170 -0.89 -9.86 -11.33
C LYS B 170 -0.28 -9.87 -12.73
N GLN B 171 0.62 -10.80 -12.96
CA GLN B 171 1.29 -10.96 -14.25
C GLN B 171 0.69 -12.13 -15.02
N SER B 172 1.11 -12.26 -16.26
CA SER B 172 0.60 -13.29 -17.18
C SER B 172 1.08 -14.67 -16.77
N ASN B 173 1.57 -14.79 -15.54
CA ASN B 173 1.88 -16.09 -14.94
C ASN B 173 1.37 -16.13 -13.50
N ASN B 174 0.31 -15.40 -13.26
CA ASN B 174 -0.36 -15.30 -11.97
C ASN B 174 0.59 -15.16 -10.78
N LYS B 175 1.80 -14.72 -11.03
CA LYS B 175 2.66 -14.23 -9.91
C LYS B 175 2.64 -12.70 -9.98
N TYR B 176 3.28 -12.07 -9.02
CA TYR B 176 3.10 -10.65 -8.76
C TYR B 176 4.35 -9.81 -8.98
N ALA B 177 4.03 -8.54 -9.23
CA ALA B 177 5.01 -7.54 -9.66
C ALA B 177 4.73 -6.21 -8.98
N ALA B 178 5.69 -5.77 -8.19
CA ALA B 178 5.69 -4.40 -7.65
C ALA B 178 7.00 -3.70 -7.97
N SER B 179 7.01 -2.42 -7.67
CA SER B 179 8.12 -1.51 -7.93
C SER B 179 8.07 -0.43 -6.84
N SER B 180 9.23 -0.17 -6.26
CA SER B 180 9.33 1.13 -5.51
C SER B 180 10.26 2.00 -6.35
N TYR B 181 10.28 3.25 -5.93
CA TYR B 181 11.30 4.18 -6.51
C TYR B 181 11.71 5.17 -5.43
N LEU B 182 13.00 5.50 -5.49
CA LEU B 182 13.55 6.59 -4.67
C LEU B 182 13.99 7.71 -5.63
N SER B 183 13.32 8.83 -5.49
CA SER B 183 13.62 10.05 -6.23
C SER B 183 14.56 10.97 -5.43
N LEU B 184 15.66 11.34 -6.06
CA LEU B 184 16.76 12.08 -5.52
C LEU B 184 17.37 13.08 -6.55
N THR B 185 18.43 13.69 -5.99
CA THR B 185 19.36 14.54 -6.70
C THR B 185 20.71 13.82 -6.86
N PRO B 186 21.39 14.17 -7.96
CA PRO B 186 22.73 13.65 -8.26
C PRO B 186 23.63 13.87 -7.06
N GLU B 187 23.39 14.96 -6.38
CA GLU B 187 24.14 15.38 -5.19
C GLU B 187 24.05 14.33 -4.09
N GLN B 188 22.81 14.00 -3.74
CA GLN B 188 22.51 13.12 -2.59
C GLN B 188 22.97 11.69 -2.92
N TRP B 189 22.71 11.37 -4.18
CA TRP B 189 23.14 10.06 -4.73
C TRP B 189 24.65 9.96 -4.59
N LYS B 190 25.35 10.87 -5.23
CA LYS B 190 26.79 10.88 -5.34
C LYS B 190 27.47 11.03 -3.99
N SER B 191 26.79 11.67 -3.07
CA SER B 191 27.29 11.94 -1.72
C SER B 191 27.16 10.79 -0.74
N HIS B 192 27.09 9.56 -1.20
CA HIS B 192 26.91 8.39 -0.31
C HIS B 192 27.75 7.23 -0.84
N ARG B 193 27.58 6.07 -0.24
CA ARG B 193 28.42 4.91 -0.60
C ARG B 193 27.58 3.72 -1.02
N SER B 194 26.44 3.56 -0.36
CA SER B 194 25.62 2.37 -0.58
C SER B 194 24.17 2.60 -0.18
N TYR B 195 23.33 2.02 -1.03
CA TYR B 195 21.89 2.10 -1.01
C TYR B 195 21.31 0.67 -1.13
N SER B 196 20.63 0.29 -0.07
CA SER B 196 19.87 -0.98 -0.17
C SER B 196 18.37 -0.74 -0.41
N CYS B 197 17.85 -1.58 -1.31
CA CYS B 197 16.41 -1.82 -1.41
C CYS B 197 16.21 -3.14 -0.61
N GLN B 198 15.42 -3.03 0.42
CA GLN B 198 15.12 -4.14 1.33
C GLN B 198 13.63 -4.52 1.29
N VAL B 199 13.41 -5.77 0.95
CA VAL B 199 12.11 -6.36 0.69
C VAL B 199 11.90 -7.60 1.58
N THR B 200 10.69 -7.65 2.09
CA THR B 200 10.22 -8.68 3.00
C THR B 200 9.03 -9.36 2.33
N HIS B 201 9.21 -10.65 2.12
CA HIS B 201 8.05 -11.51 1.75
C HIS B 201 7.91 -12.41 2.97
N GLU B 202 7.01 -13.38 2.91
CA GLU B 202 6.80 -14.20 4.11
C GLU B 202 8.06 -14.97 4.48
N GLY B 203 8.61 -14.53 5.60
CA GLY B 203 9.67 -15.28 6.29
C GLY B 203 10.97 -15.22 5.47
N SER B 204 11.05 -14.10 4.74
CA SER B 204 12.19 -13.95 3.81
C SER B 204 12.43 -12.44 3.65
N THR B 205 13.71 -12.11 3.62
CA THR B 205 14.12 -10.76 3.26
C THR B 205 15.26 -10.83 2.23
N VAL B 206 15.05 -9.99 1.23
CA VAL B 206 15.97 -9.78 0.12
C VAL B 206 16.38 -8.30 0.21
N GLU B 207 17.68 -8.14 0.25
CA GLU B 207 18.28 -6.80 0.37
C GLU B 207 19.33 -6.77 -0.74
N LYS B 208 19.14 -5.80 -1.61
CA LYS B 208 20.08 -5.64 -2.74
C LYS B 208 20.63 -4.23 -2.67
N THR B 209 21.92 -4.15 -2.95
CA THR B 209 22.67 -2.92 -2.83
C THR B 209 23.26 -2.39 -4.12
N VAL B 210 23.20 -1.07 -4.15
CA VAL B 210 23.75 -0.24 -5.23
C VAL B 210 24.68 0.78 -4.56
N ALA B 211 25.86 0.89 -5.16
CA ALA B 211 26.83 1.94 -4.77
C ALA B 211 26.84 2.98 -5.90
N PRO B 212 27.07 4.22 -5.53
CA PRO B 212 27.40 5.27 -6.51
C PRO B 212 28.80 4.96 -7.03
N THR B 213 28.83 4.62 -8.29
CA THR B 213 30.10 4.53 -9.06
C THR B 213 29.86 5.48 -10.23
N GLU B 214 30.53 6.63 -10.19
CA GLU B 214 30.12 7.75 -11.03
C GLU B 214 30.79 7.93 -12.37
N CYS B 215 30.50 7.03 -13.33
CA CYS B 215 30.66 7.43 -14.75
C CYS B 215 29.48 8.35 -15.15
N SER B 216 29.83 9.58 -15.41
CA SER B 216 29.18 10.74 -15.87
C SER B 216 27.70 10.91 -16.09
C ACE C 1 -13.16 -2.34 18.19
O ACE C 1 -13.14 -2.31 16.94
CH3 ACE C 1 -13.28 -3.61 18.98
N GLN C 2 -13.10 -1.23 18.91
CA GLN C 2 -12.94 0.09 18.33
C GLN C 2 -12.67 1.00 19.55
N DPN C 3 -11.87 0.42 20.42
CA DPN C 3 -11.18 1.13 21.49
C DPN C 3 -12.01 1.53 22.69
O DPN C 3 -11.48 1.60 23.83
CB DPN C 3 -9.95 0.39 21.94
CG DPN C 3 -10.00 -1.10 22.01
CD1 DPN C 3 -11.11 -1.79 22.44
CD2 DPN C 3 -8.86 -1.83 21.65
CE1 DPN C 3 -11.11 -3.18 22.53
CE2 DPN C 3 -8.84 -3.21 21.73
CZ DPN C 3 -9.97 -3.88 22.18
N HIS C 4 -13.30 1.82 22.44
CA HIS C 4 -14.02 2.68 23.43
C HIS C 4 -15.21 2.05 24.08
N DPR C 5 -15.54 2.27 25.43
CA DPR C 5 -15.42 1.04 26.32
CB DPR C 5 -16.38 1.19 27.36
CG DPR C 5 -17.02 2.54 27.16
CD DPR C 5 -16.94 2.75 25.72
C DPR C 5 -13.89 1.27 26.86
O DPR C 5 -13.57 2.53 26.73
N NH2 C 6 -13.03 0.42 27.18
#